data_9DO5
#
_entry.id   9DO5
#
_cell.length_a   114.643
_cell.length_b   114.643
_cell.length_c   217.275
_cell.angle_alpha   90.000
_cell.angle_beta   90.000
_cell.angle_gamma   90.000
#
_symmetry.space_group_name_H-M   'I 41 2 2'
#
loop_
_entity.id
_entity.type
_entity.pdbx_description
1 polymer 'Papain-like protease nsp3'
2 non-polymer 5-[2-(dimethylamino)ethoxy]-N-{(1R)-1-[(2P)-2-{1-[2-(dimethylamino)-2-oxoethyl]-1H-pyrazol-4-yl}quinolin-4-yl]ethyl}-2-methylbenzamide
3 non-polymer 'ACETATE ION'
4 non-polymer 'ZINC ION'
5 non-polymer 'CHLORIDE ION'
6 non-polymer GLYCEROL
7 water water
#
_entity_poly.entity_id   1
_entity_poly.type   'polypeptide(L)'
_entity_poly.pdbx_seq_one_letter_code
;SNAEVRTIKVFTTVDNINLHTQVVDMSMTYGQQFGPTYLDGADVTKIKPHNSHEGKTFYVLPNDDTLRVEAFEYYHTTDP
SFLGRYMSALNHTKKWKYPQVNGLTSIKWADNNCYLATALLTLQQIELKFNPPALQDAYYRARAGEAANFCALILAYCNK
TVGELGDVRETMSYLFQHANLDSCKRVLNVVCKTCGQQQTTLKGVEAVMYMGTLSYEQFKKGVQIPCTCGKQATKYLVQQ
ESPFVMMSAPPAQYELKHGTFTCASEYTGNYQCGHYKHITSKETLYCIDGALLTKSSEYKGPITDVFYKENSYTTTIK
;
_entity_poly.pdbx_strand_id   A
#
loop_
_chem_comp.id
_chem_comp.type
_chem_comp.name
_chem_comp.formula
A1BEE non-polymer 5-[2-(dimethylamino)ethoxy]-N-{(1R)-1-[(2P)-2-{1-[2-(dimethylamino)-2-oxoethyl]-1H-pyrazol-4-yl}quinolin-4-yl]ethyl}-2-methylbenzamide 'C30 H36 N6 O3'
ACT non-polymer 'ACETATE ION' 'C2 H3 O2 -1'
CL non-polymer 'CHLORIDE ION' 'Cl -1'
GOL non-polymer GLYCEROL 'C3 H8 O3'
ZN non-polymer 'ZINC ION' 'Zn 2'
#
# COMPACT_ATOMS: atom_id res chain seq x y z
N ILE A 8 29.58 -25.97 10.52
CA ILE A 8 28.21 -26.31 10.90
C ILE A 8 27.30 -26.34 9.68
N LYS A 9 26.71 -27.50 9.42
CA LYS A 9 25.78 -27.64 8.30
C LYS A 9 24.53 -26.81 8.57
N VAL A 10 24.18 -25.93 7.62
CA VAL A 10 23.10 -24.97 7.80
C VAL A 10 22.32 -24.87 6.49
N PHE A 11 21.14 -24.25 6.58
CA PHE A 11 20.28 -24.02 5.43
C PHE A 11 20.28 -22.54 5.10
N THR A 12 20.49 -22.22 3.83
CA THR A 12 20.45 -20.85 3.34
C THR A 12 19.33 -20.72 2.30
N THR A 13 18.73 -19.53 2.24
CA THR A 13 17.62 -19.30 1.34
C THR A 13 17.62 -17.84 0.89
N VAL A 14 16.86 -17.58 -0.16
CA VAL A 14 16.61 -16.22 -0.62
C VAL A 14 15.14 -15.84 -0.56
N ASP A 15 14.23 -16.82 -0.52
CA ASP A 15 12.79 -16.57 -0.53
C ASP A 15 12.04 -17.30 0.57
N ASN A 16 12.72 -18.08 1.40
CA ASN A 16 12.10 -18.95 2.40
C ASN A 16 11.14 -19.96 1.77
N ILE A 17 11.29 -20.23 0.46
CA ILE A 17 10.47 -21.21 -0.24
C ILE A 17 11.38 -22.32 -0.72
N ASN A 18 12.28 -22.00 -1.64
CA ASN A 18 13.29 -22.94 -2.12
C ASN A 18 14.49 -22.85 -1.17
N LEU A 19 14.75 -23.92 -0.44
CA LEU A 19 15.83 -23.96 0.53
C LEU A 19 17.01 -24.73 -0.01
N HIS A 20 18.21 -24.29 0.36
CA HIS A 20 19.46 -24.87 -0.12
C HIS A 20 20.36 -25.18 1.07
N THR A 21 20.86 -26.41 1.12
CA THR A 21 21.57 -26.94 2.29
C THR A 21 23.06 -26.77 2.08
N GLN A 22 23.64 -25.74 2.69
CA GLN A 22 25.06 -25.48 2.57
C GLN A 22 25.83 -25.97 3.80
N MET A 26 32.36 -23.73 9.15
CA MET A 26 33.58 -23.29 9.83
C MET A 26 33.29 -22.10 10.75
N SER A 27 34.17 -21.88 11.72
CA SER A 27 34.02 -20.77 12.64
C SER A 27 35.00 -19.65 12.31
N TYR A 30 30.59 -14.68 8.58
CA TYR A 30 29.64 -15.06 7.55
C TYR A 30 29.92 -14.34 6.24
N GLY A 31 30.68 -13.25 6.32
CA GLY A 31 30.98 -12.48 5.13
C GLY A 31 31.82 -13.25 4.13
N GLN A 32 32.91 -13.87 4.61
CA GLN A 32 33.72 -14.69 3.73
C GLN A 32 33.02 -15.99 3.35
N GLN A 33 32.11 -16.46 4.21
CA GLN A 33 31.41 -17.71 3.94
C GLN A 33 30.28 -17.52 2.92
N PHE A 34 29.36 -16.59 3.21
CA PHE A 34 28.18 -16.40 2.37
C PHE A 34 27.99 -14.98 1.87
N GLY A 35 28.75 -14.00 2.38
CA GLY A 35 28.50 -12.61 2.08
C GLY A 35 27.58 -11.99 3.09
N PRO A 36 26.80 -10.98 2.68
CA PRO A 36 25.81 -10.40 3.59
C PRO A 36 24.76 -11.40 4.01
N THR A 37 24.76 -11.77 5.29
CA THR A 37 23.89 -12.81 5.83
C THR A 37 22.98 -12.23 6.90
N TYR A 38 21.78 -12.78 7.00
CA TYR A 38 20.80 -12.35 7.99
C TYR A 38 20.12 -13.57 8.59
N LEU A 39 19.70 -13.44 9.85
CA LEU A 39 18.98 -14.50 10.55
C LEU A 39 17.89 -13.84 11.39
N ASP A 40 16.65 -13.94 10.92
CA ASP A 40 15.50 -13.32 11.58
C ASP A 40 15.70 -11.83 11.76
N GLY A 41 16.04 -11.15 10.67
CA GLY A 41 16.14 -9.70 10.69
C GLY A 41 17.50 -9.18 11.09
N ALA A 42 18.22 -9.94 11.91
CA ALA A 42 19.50 -9.50 12.43
C ALA A 42 20.63 -9.79 11.45
N ASP A 43 21.52 -8.81 11.28
CA ASP A 43 22.65 -8.95 10.37
C ASP A 43 23.77 -9.70 11.07
N VAL A 44 23.98 -10.96 10.67
CA VAL A 44 24.99 -11.81 11.27
C VAL A 44 26.25 -11.91 10.38
N THR A 45 26.41 -10.98 9.43
CA THR A 45 27.57 -11.02 8.55
C THR A 45 28.87 -10.95 9.33
N LYS A 46 28.89 -10.20 10.42
CA LYS A 46 30.07 -10.08 11.28
C LYS A 46 29.98 -11.00 12.49
N ILE A 47 29.52 -12.23 12.29
CA ILE A 47 29.40 -13.22 13.36
C ILE A 47 30.00 -14.53 12.88
N LYS A 48 30.12 -15.48 13.81
CA LYS A 48 30.66 -16.79 13.52
C LYS A 48 29.63 -17.87 13.78
N PRO A 49 29.49 -18.86 12.90
CA PRO A 49 28.53 -19.96 13.04
C PRO A 49 28.74 -20.77 14.32
N ASN A 51 26.90 -23.59 16.25
CA ASN A 51 26.35 -23.32 17.58
C ASN A 51 24.84 -23.49 17.57
N SER A 52 24.13 -22.54 18.20
CA SER A 52 22.67 -22.57 18.18
C SER A 52 22.10 -22.37 16.78
N HIS A 53 22.88 -21.75 15.88
CA HIS A 53 22.46 -21.55 14.50
C HIS A 53 22.83 -22.76 13.64
N GLU A 54 22.33 -23.92 14.06
CA GLU A 54 22.59 -25.18 13.38
C GLU A 54 21.31 -25.68 12.73
N GLY A 55 21.27 -25.62 11.40
CA GLY A 55 20.12 -26.06 10.63
C GLY A 55 19.07 -25.00 10.38
N LYS A 56 19.23 -23.81 10.94
CA LYS A 56 18.26 -22.74 10.73
C LYS A 56 18.42 -22.14 9.35
N THR A 57 17.31 -21.61 8.82
CA THR A 57 17.32 -20.97 7.51
C THR A 57 17.96 -19.60 7.60
N PHE A 58 18.89 -19.31 6.69
CA PHE A 58 19.64 -18.06 6.68
C PHE A 58 19.38 -17.32 5.37
N TYR A 59 18.89 -16.09 5.49
CA TYR A 59 18.70 -15.26 4.31
C TYR A 59 20.04 -14.76 3.80
N VAL A 60 20.28 -14.91 2.49
CA VAL A 60 21.52 -14.49 1.87
C VAL A 60 21.20 -13.66 0.64
N LEU A 61 22.18 -12.89 0.19
CA LEU A 61 22.04 -12.09 -1.02
C LEU A 61 22.30 -12.94 -2.26
N PRO A 62 21.59 -12.67 -3.35
CA PRO A 62 21.81 -13.46 -4.58
C PRO A 62 23.23 -13.31 -5.09
N ASN A 63 23.93 -14.45 -5.20
CA ASN A 63 25.29 -14.46 -5.74
C ASN A 63 25.52 -15.54 -6.80
N ASP A 64 24.55 -16.40 -7.07
CA ASP A 64 24.62 -17.33 -8.20
C ASP A 64 23.36 -17.14 -9.04
N ASP A 65 23.37 -17.73 -10.24
CA ASP A 65 22.25 -17.54 -11.15
C ASP A 65 20.99 -18.22 -10.63
N THR A 66 21.13 -19.38 -9.99
CA THR A 66 19.98 -20.07 -9.43
C THR A 66 19.23 -19.19 -8.44
N LEU A 67 19.97 -18.52 -7.54
CA LEU A 67 19.34 -17.63 -6.58
C LEU A 67 18.93 -16.31 -7.21
N ARG A 68 19.66 -15.85 -8.23
CA ARG A 68 19.30 -14.61 -8.91
C ARG A 68 17.98 -14.76 -9.65
N VAL A 69 17.78 -15.89 -10.32
CA VAL A 69 16.52 -16.12 -11.02
C VAL A 69 15.41 -16.44 -10.03
N GLU A 70 15.73 -17.15 -8.95
CA GLU A 70 14.72 -17.44 -7.93
C GLU A 70 14.32 -16.18 -7.17
N ALA A 71 15.22 -15.19 -7.09
CA ALA A 71 14.88 -13.95 -6.40
C ALA A 71 13.84 -13.16 -7.20
N PHE A 72 13.92 -13.21 -8.52
CA PHE A 72 12.91 -12.55 -9.34
C PHE A 72 11.58 -13.29 -9.30
N GLU A 73 11.61 -14.62 -9.21
CA GLU A 73 10.38 -15.38 -9.15
C GLU A 73 9.55 -15.00 -7.93
N TYR A 74 10.21 -14.66 -6.82
CA TYR A 74 9.50 -14.34 -5.58
C TYR A 74 9.29 -12.85 -5.39
N TYR A 75 10.31 -12.03 -5.67
CA TYR A 75 10.24 -10.61 -5.39
C TYR A 75 10.00 -9.75 -6.63
N HIS A 76 10.23 -10.28 -7.83
CA HIS A 76 10.06 -9.53 -9.08
C HIS A 76 10.93 -8.28 -9.09
N THR A 77 12.16 -8.42 -8.63
CA THR A 77 13.10 -7.30 -8.60
C THR A 77 14.51 -7.83 -8.71
N THR A 78 15.36 -7.04 -9.37
CA THR A 78 16.78 -7.36 -9.51
C THR A 78 17.67 -6.37 -8.77
N ASP A 79 17.07 -5.48 -7.98
CA ASP A 79 17.85 -4.49 -7.25
C ASP A 79 18.60 -5.17 -6.10
N PRO A 80 19.94 -5.14 -6.09
CA PRO A 80 20.68 -5.79 -5.00
C PRO A 80 20.46 -5.16 -3.64
N SER A 81 19.84 -3.99 -3.57
CA SER A 81 19.58 -3.35 -2.28
C SER A 81 18.34 -3.90 -1.60
N PHE A 82 17.42 -4.49 -2.36
CA PHE A 82 16.10 -4.86 -1.85
C PHE A 82 16.20 -5.65 -0.55
N LEU A 83 16.90 -6.78 -0.58
CA LEU A 83 16.97 -7.65 0.59
C LEU A 83 17.57 -6.91 1.78
N GLY A 84 18.62 -6.12 1.54
CA GLY A 84 19.20 -5.33 2.61
C GLY A 84 18.21 -4.34 3.19
N ARG A 85 17.52 -3.60 2.32
CA ARG A 85 16.48 -2.70 2.77
C ARG A 85 15.29 -3.46 3.35
N TYR A 86 15.08 -4.70 2.93
CA TYR A 86 13.99 -5.51 3.45
C TYR A 86 14.31 -5.99 4.87
N MET A 87 15.50 -6.55 5.07
CA MET A 87 15.87 -7.03 6.40
C MET A 87 16.09 -5.85 7.36
N SER A 88 16.46 -4.69 6.83
CA SER A 88 16.63 -3.51 7.70
C SER A 88 15.29 -3.06 8.25
N ALA A 89 14.24 -3.05 7.41
CA ALA A 89 12.91 -2.71 7.90
C ALA A 89 12.33 -3.83 8.75
N LEU A 90 12.69 -5.09 8.44
CA LEU A 90 12.14 -6.21 9.19
C LEU A 90 12.59 -6.22 10.64
N ASN A 91 13.77 -5.67 10.93
CA ASN A 91 14.25 -5.64 12.30
C ASN A 91 13.35 -4.78 13.19
N HIS A 92 12.71 -3.77 12.62
CA HIS A 92 11.80 -2.92 13.37
C HIS A 92 10.39 -3.48 13.39
N THR A 93 9.87 -3.90 12.22
CA THR A 93 8.50 -4.36 12.13
C THR A 93 8.27 -5.59 13.02
N LYS A 94 9.29 -6.42 13.20
CA LYS A 94 9.14 -7.58 14.09
C LYS A 94 8.95 -7.15 15.54
N LYS A 95 9.53 -6.00 15.92
CA LYS A 95 9.35 -5.48 17.26
C LYS A 95 8.07 -4.66 17.41
N TRP A 96 7.41 -4.32 16.32
CA TRP A 96 6.15 -3.60 16.38
C TRP A 96 5.05 -4.52 16.89
N LYS A 97 3.99 -3.90 17.41
CA LYS A 97 2.80 -4.62 17.87
C LYS A 97 1.67 -4.41 16.87
N TYR A 98 0.90 -5.47 16.62
CA TYR A 98 -0.16 -5.47 15.62
C TYR A 98 -1.48 -5.86 16.28
N PRO A 99 -2.16 -4.91 16.91
CA PRO A 99 -3.43 -5.23 17.57
C PRO A 99 -4.57 -5.37 16.57
N GLN A 100 -5.56 -6.17 16.96
CA GLN A 100 -6.76 -6.38 16.14
C GLN A 100 -7.84 -5.42 16.61
N VAL A 101 -8.12 -4.40 15.81
CA VAL A 101 -9.11 -3.38 16.12
C VAL A 101 -10.28 -3.56 15.17
N ASN A 102 -11.41 -4.05 15.69
CA ASN A 102 -12.62 -4.28 14.91
C ASN A 102 -12.36 -5.30 13.80
N GLY A 103 -11.74 -6.42 14.17
CA GLY A 103 -11.43 -7.47 13.22
C GLY A 103 -10.39 -7.11 12.19
N LEU A 104 -9.72 -5.97 12.36
CA LEU A 104 -8.70 -5.52 11.42
C LEU A 104 -7.36 -5.40 12.15
N THR A 105 -6.29 -5.75 11.45
CA THR A 105 -4.94 -5.67 12.00
C THR A 105 -4.40 -4.26 11.77
N SER A 106 -4.02 -3.59 12.85
CA SER A 106 -3.39 -2.28 12.80
C SER A 106 -2.00 -2.37 13.42
N ILE A 107 -1.35 -1.22 13.61
CA ILE A 107 -0.02 -1.16 14.19
C ILE A 107 0.00 -0.10 15.28
N LYS A 108 0.45 -0.49 16.47
CA LYS A 108 0.65 0.47 17.54
C LYS A 108 1.73 1.46 17.15
N TRP A 109 1.51 2.73 17.50
CA TRP A 109 2.38 3.82 17.05
C TRP A 109 3.84 3.55 17.39
N ALA A 110 4.69 3.61 16.37
CA ALA A 110 6.13 3.40 16.52
C ALA A 110 6.88 3.77 15.25
N ASP A 111 7.89 4.63 15.37
CA ASP A 111 8.76 5.01 14.25
C ASP A 111 7.96 5.65 13.11
N ASN A 112 6.97 6.46 13.46
CA ASN A 112 6.17 7.22 12.50
C ASN A 112 5.46 6.28 11.51
N ASN A 113 4.84 5.23 12.04
CA ASN A 113 4.14 4.24 11.24
C ASN A 113 2.68 4.58 11.00
N CYS A 114 2.26 5.82 11.25
CA CYS A 114 0.85 6.18 11.14
C CYS A 114 0.34 6.00 9.72
N TYR A 115 1.11 6.41 8.73
CA TYR A 115 0.67 6.23 7.35
C TYR A 115 0.70 4.76 6.95
N LEU A 116 1.57 3.96 7.56
CA LEU A 116 1.58 2.53 7.28
C LEU A 116 0.35 1.84 7.84
N ALA A 117 -0.02 2.19 9.08
CA ALA A 117 -1.22 1.60 9.67
C ALA A 117 -2.47 1.95 8.88
N THR A 118 -2.58 3.21 8.44
CA THR A 118 -3.73 3.60 7.63
C THR A 118 -3.76 2.87 6.31
N ALA A 119 -2.59 2.57 5.74
CA ALA A 119 -2.56 1.82 4.49
C ALA A 119 -2.87 0.34 4.72
N LEU A 120 -2.50 -0.20 5.88
CA LEU A 120 -2.79 -1.60 6.18
C LEU A 120 -4.28 -1.83 6.38
N LEU A 121 -4.95 -0.92 7.09
CA LEU A 121 -6.39 -1.05 7.29
C LEU A 121 -7.14 -0.89 5.97
N THR A 122 -6.67 0.01 5.10
CA THR A 122 -7.31 0.20 3.82
C THR A 122 -7.21 -1.06 2.96
N LEU A 123 -6.02 -1.66 2.93
CA LEU A 123 -5.82 -2.84 2.09
C LEU A 123 -6.69 -4.01 2.54
N GLN A 124 -6.93 -4.12 3.84
CA GLN A 124 -7.78 -5.20 4.35
C GLN A 124 -9.24 -5.02 3.93
N GLN A 125 -9.63 -3.82 3.50
CA GLN A 125 -11.01 -3.53 3.13
C GLN A 125 -11.19 -3.32 1.63
N ILE A 126 -10.14 -3.48 0.83
CA ILE A 126 -10.24 -3.36 -0.62
C ILE A 126 -9.69 -4.62 -1.27
N GLU A 127 -10.15 -4.91 -2.48
CA GLU A 127 -9.72 -6.08 -3.22
C GLU A 127 -8.47 -5.73 -4.03
N LEU A 128 -7.40 -6.50 -3.82
CA LEU A 128 -6.14 -6.27 -4.50
C LEU A 128 -5.40 -7.59 -4.64
N LYS A 129 -4.87 -7.85 -5.83
CA LYS A 129 -4.08 -9.04 -6.10
C LYS A 129 -2.68 -8.60 -6.50
N PHE A 130 -1.69 -8.95 -5.69
CA PHE A 130 -0.32 -8.53 -5.94
C PHE A 130 0.37 -9.46 -6.93
N ASN A 131 1.17 -8.87 -7.81
CA ASN A 131 1.90 -9.63 -8.82
C ASN A 131 3.11 -10.36 -8.21
N PRO A 132 3.95 -9.71 -7.39
CA PRO A 132 5.04 -10.44 -6.75
C PRO A 132 4.51 -11.42 -5.72
N PRO A 133 4.90 -12.70 -5.81
CA PRO A 133 4.46 -13.67 -4.79
C PRO A 133 4.88 -13.30 -3.38
N ALA A 134 5.96 -12.52 -3.22
CA ALA A 134 6.36 -12.08 -1.89
C ALA A 134 5.31 -11.16 -1.28
N LEU A 135 4.79 -10.22 -2.07
CA LEU A 135 3.75 -9.32 -1.56
C LEU A 135 2.44 -10.08 -1.37
N GLN A 136 2.12 -11.00 -2.28
CA GLN A 136 0.86 -11.73 -2.20
C GLN A 136 0.84 -12.67 -1.00
N ASP A 137 1.90 -13.44 -0.82
CA ASP A 137 1.95 -14.39 0.30
C ASP A 137 1.95 -13.66 1.63
N ALA A 138 2.59 -12.50 1.69
CA ALA A 138 2.57 -11.70 2.91
C ALA A 138 1.25 -11.00 3.09
N TYR A 139 0.53 -10.73 2.00
CA TYR A 139 -0.79 -10.13 2.09
C TYR A 139 -1.76 -11.05 2.83
N TYR A 140 -1.69 -12.35 2.55
CA TYR A 140 -2.55 -13.31 3.25
C TYR A 140 -2.19 -13.41 4.72
N ARG A 141 -0.88 -13.43 5.03
CA ARG A 141 -0.45 -13.52 6.42
C ARG A 141 -0.79 -12.26 7.21
N ALA A 142 -0.99 -11.14 6.53
CA ALA A 142 -1.33 -9.90 7.23
C ALA A 142 -2.77 -9.92 7.73
N ARG A 143 -3.70 -10.34 6.86
CA ARG A 143 -5.11 -10.40 7.27
C ARG A 143 -5.32 -11.39 8.40
N ALA A 144 -4.47 -12.41 8.51
CA ALA A 144 -4.56 -13.37 9.60
C ALA A 144 -3.99 -12.82 10.90
N GLY A 145 -3.07 -11.86 10.84
CA GLY A 145 -2.51 -11.28 12.05
C GLY A 145 -1.02 -11.05 11.98
N GLU A 146 -0.33 -11.75 11.08
CA GLU A 146 1.12 -11.63 10.93
C GLU A 146 1.41 -10.58 9.87
N ALA A 147 1.49 -9.33 10.31
CA ALA A 147 1.69 -8.19 9.40
C ALA A 147 3.11 -7.63 9.47
N ALA A 148 4.06 -8.40 9.98
CA ALA A 148 5.45 -7.93 10.05
C ALA A 148 6.12 -8.02 8.69
N ASN A 149 6.14 -9.22 8.09
CA ASN A 149 6.76 -9.40 6.79
C ASN A 149 6.08 -8.57 5.70
N PHE A 150 4.81 -8.20 5.90
CA PHE A 150 4.11 -7.41 4.91
C PHE A 150 4.47 -5.92 5.03
N CYS A 151 4.62 -5.43 6.26
CA CYS A 151 4.96 -4.02 6.45
C CYS A 151 6.38 -3.74 5.97
N ALA A 152 7.31 -4.65 6.24
CA ALA A 152 8.68 -4.47 5.78
C ALA A 152 8.76 -4.50 4.27
N LEU A 153 7.99 -5.38 3.64
CA LEU A 153 7.99 -5.45 2.18
C LEU A 153 7.42 -4.19 1.56
N ILE A 154 6.44 -3.56 2.21
CA ILE A 154 5.90 -2.30 1.70
C ILE A 154 6.98 -1.22 1.69
N LEU A 155 7.74 -1.15 2.79
CA LEU A 155 8.81 -0.16 2.87
C LEU A 155 9.89 -0.42 1.82
N ALA A 156 10.17 -1.69 1.54
CA ALA A 156 11.17 -2.01 0.53
C ALA A 156 10.69 -1.63 -0.86
N TYR A 157 9.45 -2.01 -1.20
CA TYR A 157 8.94 -1.73 -2.54
C TYR A 157 8.71 -0.24 -2.76
N CYS A 158 8.46 0.52 -1.70
CA CYS A 158 8.22 1.95 -1.80
C CYS A 158 9.49 2.77 -1.66
N ASN A 159 10.65 2.11 -1.47
CA ASN A 159 11.93 2.80 -1.29
C ASN A 159 11.88 3.78 -0.12
N LYS A 160 11.27 3.35 0.98
CA LYS A 160 11.19 4.12 2.20
C LYS A 160 11.87 3.37 3.33
N THR A 161 12.28 4.12 4.35
CA THR A 161 13.00 3.57 5.49
C THR A 161 12.22 3.79 6.77
N VAL A 162 12.61 3.05 7.82
CA VAL A 162 11.93 3.15 9.10
C VAL A 162 12.19 4.53 9.70
N GLY A 163 11.13 5.13 10.23
CA GLY A 163 11.22 6.45 10.81
C GLY A 163 10.94 7.59 9.85
N GLU A 164 11.15 7.38 8.56
CA GLU A 164 10.88 8.42 7.57
C GLU A 164 9.38 8.72 7.49
N LEU A 165 9.07 9.96 7.16
CA LEU A 165 7.68 10.38 7.03
C LEU A 165 7.15 9.95 5.65
N GLY A 166 5.93 9.40 5.64
CA GLY A 166 5.36 8.84 4.45
C GLY A 166 3.97 9.39 4.16
N ASP A 167 3.52 9.13 2.93
CA ASP A 167 2.23 9.59 2.44
C ASP A 167 1.39 8.40 2.02
N VAL A 168 0.12 8.40 2.41
CA VAL A 168 -0.76 7.26 2.14
C VAL A 168 -1.05 7.16 0.64
N ARG A 169 -1.33 8.28 -0.02
CA ARG A 169 -1.60 8.25 -1.46
C ARG A 169 -0.37 7.80 -2.24
N GLU A 170 0.81 8.19 -1.80
CA GLU A 170 2.04 7.78 -2.48
C GLU A 170 2.28 6.28 -2.30
N THR A 171 2.19 5.79 -1.06
CA THR A 171 2.44 4.38 -0.80
C THR A 171 1.45 3.49 -1.54
N MET A 172 0.20 3.92 -1.60
CA MET A 172 -0.83 3.10 -2.28
C MET A 172 -0.51 3.09 -3.77
N SER A 173 -0.08 4.22 -4.32
CA SER A 173 0.22 4.28 -5.74
C SER A 173 1.36 3.34 -6.11
N TYR A 174 2.40 3.27 -5.26
CA TYR A 174 3.47 2.32 -5.48
C TYR A 174 2.95 0.89 -5.51
N LEU A 175 2.14 0.52 -4.51
CA LEU A 175 1.62 -0.83 -4.44
C LEU A 175 0.69 -1.14 -5.60
N PHE A 176 -0.10 -0.16 -6.03
CA PHE A 176 -1.02 -0.36 -7.14
C PHE A 176 -0.29 -0.74 -8.42
N GLN A 177 0.92 -0.19 -8.61
CA GLN A 177 1.69 -0.54 -9.81
C GLN A 177 2.23 -1.96 -9.74
N HIS A 178 2.48 -2.48 -8.53
CA HIS A 178 2.94 -3.84 -8.34
C HIS A 178 1.79 -4.83 -8.16
N ALA A 179 0.63 -4.54 -8.74
CA ALA A 179 -0.54 -5.38 -8.56
C ALA A 179 -1.31 -5.48 -9.87
N ASN A 180 -2.19 -6.47 -9.94
CA ASN A 180 -2.92 -6.77 -11.17
C ASN A 180 -4.17 -5.89 -11.23
N LEU A 181 -4.07 -4.77 -11.93
CA LEU A 181 -5.20 -3.89 -12.21
C LEU A 181 -5.41 -3.78 -13.71
N ASP A 182 -5.26 -4.90 -14.42
CA ASP A 182 -5.33 -4.88 -15.88
C ASP A 182 -6.77 -4.70 -16.37
N SER A 183 -7.73 -5.30 -15.67
CA SER A 183 -9.13 -5.20 -16.06
C SER A 183 -9.78 -3.89 -15.62
N CYS A 184 -9.03 -3.01 -14.96
CA CYS A 184 -9.59 -1.77 -14.43
C CYS A 184 -9.56 -0.71 -15.53
N LYS A 185 -10.75 -0.29 -15.97
CA LYS A 185 -10.90 0.69 -17.03
C LYS A 185 -11.69 1.88 -16.51
N ARG A 186 -11.46 3.04 -17.13
CA ARG A 186 -12.15 4.27 -16.79
C ARG A 186 -12.35 5.09 -18.05
N VAL A 187 -13.59 5.28 -18.44
CA VAL A 187 -13.93 6.09 -19.61
C VAL A 187 -14.35 7.47 -19.12
N LEU A 188 -13.54 8.47 -19.44
CA LEU A 188 -13.81 9.85 -19.05
C LEU A 188 -14.19 10.66 -20.29
N ASN A 189 -14.96 11.72 -20.07
CA ASN A 189 -15.38 12.61 -21.14
C ASN A 189 -15.21 14.05 -20.68
N VAL A 190 -14.46 14.84 -21.45
CA VAL A 190 -14.31 16.26 -21.20
C VAL A 190 -14.98 17.01 -22.35
N VAL A 191 -15.75 18.04 -22.00
CA VAL A 191 -16.43 18.88 -22.98
C VAL A 191 -15.99 20.32 -22.74
N CYS A 192 -15.81 21.06 -23.84
CA CYS A 192 -15.40 22.45 -23.77
C CYS A 192 -16.43 23.32 -24.48
N LYS A 193 -16.63 24.52 -23.95
CA LYS A 193 -17.57 25.45 -24.57
C LYS A 193 -17.13 25.88 -25.95
N THR A 194 -15.87 25.67 -26.30
CA THR A 194 -15.33 26.06 -27.61
C THR A 194 -14.71 24.88 -28.35
N CYS A 195 -13.83 24.12 -27.70
CA CYS A 195 -13.13 23.03 -28.38
C CYS A 195 -14.09 21.89 -28.74
N GLY A 196 -14.96 21.50 -27.83
CA GLY A 196 -15.89 20.43 -28.08
C GLY A 196 -15.82 19.32 -27.05
N GLN A 197 -16.27 18.13 -27.43
CA GLN A 197 -16.32 16.98 -26.54
C GLN A 197 -15.20 16.01 -26.91
N GLN A 198 -14.40 15.62 -25.91
CA GLN A 198 -13.27 14.72 -26.10
C GLN A 198 -13.37 13.57 -25.10
N GLN A 199 -13.21 12.35 -25.59
CA GLN A 199 -13.34 11.14 -24.77
C GLN A 199 -11.96 10.57 -24.49
N THR A 200 -11.72 10.19 -23.24
CA THR A 200 -10.47 9.60 -22.81
C THR A 200 -10.73 8.32 -22.05
N THR A 201 -9.77 7.40 -22.11
CA THR A 201 -9.89 6.09 -21.46
C THR A 201 -8.61 5.80 -20.70
N LEU A 202 -8.76 5.51 -19.41
CA LEU A 202 -7.65 5.15 -18.54
C LEU A 202 -7.72 3.67 -18.19
N LYS A 203 -6.56 3.01 -18.14
CA LYS A 203 -6.48 1.59 -17.85
CA LYS A 203 -6.49 1.59 -17.85
C LYS A 203 -5.34 1.34 -16.89
N GLY A 204 -5.62 0.58 -15.83
CA GLY A 204 -4.60 0.19 -14.88
C GLY A 204 -4.61 1.08 -13.63
N VAL A 205 -3.42 1.53 -13.22
CA VAL A 205 -3.29 2.30 -11.99
C VAL A 205 -3.93 3.68 -12.14
N GLU A 206 -3.93 4.24 -13.35
CA GLU A 206 -4.51 5.55 -13.59
C GLU A 206 -6.03 5.53 -13.60
N ALA A 207 -6.66 4.36 -13.62
CA ALA A 207 -8.10 4.23 -13.75
C ALA A 207 -8.81 4.05 -12.42
N VAL A 208 -8.07 3.92 -11.31
CA VAL A 208 -8.66 3.74 -9.99
C VAL A 208 -8.34 4.90 -9.05
N MET A 209 -7.52 5.85 -9.48
CA MET A 209 -7.09 6.95 -8.62
C MET A 209 -7.39 8.28 -9.28
N TYR A 210 -7.62 9.29 -8.44
CA TYR A 210 -7.85 10.65 -8.92
C TYR A 210 -7.57 11.62 -7.78
N MET A 211 -6.61 12.52 -7.99
CA MET A 211 -6.32 13.62 -7.07
C MET A 211 -7.08 14.85 -7.53
N GLY A 212 -7.95 15.37 -6.66
CA GLY A 212 -8.72 16.55 -7.00
C GLY A 212 -9.93 16.75 -6.09
N THR A 213 -10.87 15.81 -6.14
CA THR A 213 -12.06 15.85 -5.30
C THR A 213 -12.12 14.60 -4.44
N LEU A 214 -12.94 14.66 -3.39
CA LEU A 214 -13.11 13.52 -2.50
C LEU A 214 -14.43 12.79 -2.71
N SER A 215 -15.39 13.41 -3.39
CA SER A 215 -16.71 12.82 -3.59
C SER A 215 -16.74 12.05 -4.90
N TYR A 216 -17.07 10.76 -4.83
CA TYR A 216 -17.24 9.98 -6.04
C TYR A 216 -18.42 10.48 -6.86
N GLU A 217 -19.47 10.98 -6.19
CA GLU A 217 -20.61 11.53 -6.91
C GLU A 217 -20.26 12.81 -7.65
N GLN A 218 -19.39 13.63 -7.06
CA GLN A 218 -18.94 14.84 -7.74
C GLN A 218 -18.17 14.52 -9.00
N PHE A 219 -17.42 13.41 -9.00
CA PHE A 219 -16.72 12.99 -10.22
C PHE A 219 -17.70 12.59 -11.31
N LYS A 220 -18.83 11.99 -10.93
CA LYS A 220 -19.82 11.62 -11.93
C LYS A 220 -20.60 12.82 -12.43
N LYS A 221 -21.00 13.73 -11.52
CA LYS A 221 -21.73 14.92 -11.94
C LYS A 221 -20.87 15.86 -12.76
N GLY A 222 -19.55 15.81 -12.57
CA GLY A 222 -18.65 16.65 -13.33
C GLY A 222 -17.74 17.51 -12.46
N VAL A 223 -16.47 17.63 -12.85
CA VAL A 223 -15.49 18.44 -12.14
C VAL A 223 -14.92 19.46 -13.11
N GLN A 224 -14.76 20.70 -12.62
CA GLN A 224 -14.31 21.80 -13.46
C GLN A 224 -12.80 21.70 -13.66
N ILE A 225 -12.39 21.49 -14.91
CA ILE A 225 -10.94 21.38 -15.23
C ILE A 225 -10.66 22.33 -16.39
N PRO A 226 -9.41 22.74 -16.64
CA PRO A 226 -9.08 23.58 -17.79
C PRO A 226 -8.52 22.80 -18.98
N CYS A 227 -8.92 23.17 -20.19
CA CYS A 227 -8.36 22.61 -21.41
C CYS A 227 -7.18 23.47 -21.88
N THR A 228 -6.74 23.25 -23.12
CA THR A 228 -5.72 24.11 -23.70
C THR A 228 -6.20 25.55 -23.75
N CYS A 229 -7.45 25.76 -24.15
CA CYS A 229 -8.06 27.08 -24.06
C CYS A 229 -8.26 27.45 -22.59
N GLY A 230 -8.11 28.74 -22.29
CA GLY A 230 -8.35 29.20 -20.93
C GLY A 230 -9.78 29.01 -20.46
N LYS A 231 -10.70 28.71 -21.38
CA LYS A 231 -12.08 28.47 -21.00
C LYS A 231 -12.19 27.25 -20.10
N GLN A 232 -13.09 27.33 -19.12
CA GLN A 232 -13.29 26.24 -18.17
C GLN A 232 -14.05 25.10 -18.82
N ALA A 233 -13.57 23.88 -18.62
CA ALA A 233 -14.21 22.67 -19.10
C ALA A 233 -14.65 21.82 -17.92
N THR A 234 -15.48 20.82 -18.21
CA THR A 234 -15.96 19.90 -17.19
C THR A 234 -15.53 18.48 -17.54
N LYS A 235 -15.16 17.71 -16.51
CA LYS A 235 -14.74 16.33 -16.66
C LYS A 235 -15.64 15.46 -15.80
N TYR A 236 -16.36 14.55 -16.44
CA TYR A 236 -17.27 13.66 -15.72
C TYR A 236 -17.00 12.22 -16.12
N LEU A 237 -17.25 11.31 -15.18
CA LEU A 237 -16.97 9.89 -15.40
C LEU A 237 -18.11 9.26 -16.20
N VAL A 238 -17.76 8.61 -17.31
CA VAL A 238 -18.75 7.94 -18.14
C VAL A 238 -18.88 6.47 -17.80
N GLN A 239 -17.75 5.75 -17.76
CA GLN A 239 -17.76 4.33 -17.48
C GLN A 239 -16.64 3.99 -16.50
N GLN A 240 -16.95 3.14 -15.54
CA GLN A 240 -15.98 2.68 -14.55
C GLN A 240 -16.12 1.18 -14.37
N GLU A 241 -14.99 0.47 -14.49
CA GLU A 241 -14.96 -0.99 -14.38
C GLU A 241 -13.78 -1.36 -13.49
N SER A 242 -13.97 -1.24 -12.17
CA SER A 242 -12.92 -1.53 -11.21
C SER A 242 -13.57 -1.98 -9.91
N PRO A 243 -12.92 -2.87 -9.16
CA PRO A 243 -13.47 -3.27 -7.86
C PRO A 243 -13.55 -2.13 -6.86
N PHE A 244 -12.75 -1.08 -7.05
CA PHE A 244 -12.76 0.06 -6.13
C PHE A 244 -12.18 1.27 -6.85
N VAL A 245 -12.38 2.44 -6.25
CA VAL A 245 -11.77 3.68 -6.70
C VAL A 245 -11.25 4.40 -5.47
N MET A 246 -10.19 5.17 -5.66
CA MET A 246 -9.63 6.02 -4.61
C MET A 246 -9.78 7.47 -5.02
N MET A 247 -10.44 8.25 -4.17
CA MET A 247 -10.65 9.67 -4.41
C MET A 247 -9.78 10.46 -3.44
N SER A 248 -8.97 11.37 -3.96
CA SER A 248 -7.96 12.07 -3.17
C SER A 248 -8.02 13.55 -3.46
N ALA A 249 -7.61 14.35 -2.48
CA ALA A 249 -7.63 15.80 -2.58
C ALA A 249 -6.77 16.36 -1.44
N PRO A 250 -6.26 17.58 -1.59
CA PRO A 250 -5.52 18.20 -0.50
C PRO A 250 -6.37 18.28 0.75
N PRO A 251 -5.75 18.17 1.93
CA PRO A 251 -6.53 18.08 3.18
C PRO A 251 -7.44 19.27 3.40
N ALA A 252 -8.74 18.99 3.51
CA ALA A 252 -9.74 20.01 3.78
C ALA A 252 -10.83 19.40 4.65
N GLN A 253 -11.75 20.25 5.10
CA GLN A 253 -12.85 19.78 5.93
C GLN A 253 -13.85 19.00 5.09
N TYR A 254 -14.37 17.92 5.67
CA TYR A 254 -15.26 17.02 4.95
C TYR A 254 -16.14 16.28 5.94
N GLU A 255 -17.40 16.06 5.55
CA GLU A 255 -18.35 15.30 6.35
C GLU A 255 -18.53 13.92 5.71
N LEU A 256 -18.16 12.88 6.44
CA LEU A 256 -18.26 11.50 5.95
C LEU A 256 -19.55 10.89 6.47
N LYS A 257 -20.44 10.52 5.56
CA LYS A 257 -21.72 9.95 5.92
C LYS A 257 -21.64 8.42 5.93
N HIS A 258 -22.26 7.82 6.94
CA HIS A 258 -22.22 6.37 7.08
C HIS A 258 -22.92 5.69 5.92
N GLY A 259 -22.24 4.71 5.31
CA GLY A 259 -22.78 3.95 4.21
C GLY A 259 -22.46 4.47 2.83
N THR A 260 -22.02 5.72 2.71
CA THR A 260 -21.71 6.32 1.42
C THR A 260 -20.26 6.06 0.98
N PHE A 261 -19.42 5.52 1.86
CA PHE A 261 -18.04 5.26 1.54
C PHE A 261 -17.59 3.99 2.26
N THR A 262 -16.39 3.53 1.92
CA THR A 262 -15.82 2.34 2.54
C THR A 262 -14.88 2.74 3.67
N CYS A 263 -13.74 3.34 3.32
CA CYS A 263 -12.79 3.82 4.31
C CYS A 263 -12.15 5.10 3.78
N ALA A 264 -11.64 5.91 4.71
CA ALA A 264 -11.07 7.19 4.36
C ALA A 264 -9.87 7.50 5.24
N SER A 265 -8.97 8.33 4.73
CA SER A 265 -7.75 8.71 5.42
C SER A 265 -7.87 10.15 5.93
N GLU A 266 -7.45 10.35 7.18
CA GLU A 266 -7.53 11.65 7.83
C GLU A 266 -6.13 12.15 8.11
N TYR A 267 -5.78 13.30 7.53
CA TYR A 267 -4.47 13.93 7.74
C TYR A 267 -4.66 15.20 8.55
N THR A 268 -3.93 15.30 9.65
CA THR A 268 -4.01 16.46 10.54
C THR A 268 -2.61 17.01 10.75
N GLY A 269 -2.38 18.23 10.28
CA GLY A 269 -1.10 18.90 10.42
C GLY A 269 -0.76 19.64 9.15
N ASN A 270 0.52 19.95 9.00
CA ASN A 270 1.03 20.67 7.85
C ASN A 270 1.78 19.72 6.92
N TYR A 271 2.15 20.24 5.75
CA TYR A 271 2.79 19.43 4.71
C TYR A 271 4.02 18.71 5.25
N GLN A 272 4.02 17.39 5.09
CA GLN A 272 5.13 16.53 5.55
C GLN A 272 5.42 16.76 7.04
N CYS A 273 4.37 17.01 7.81
CA CYS A 273 4.53 17.32 9.23
C CYS A 273 3.38 16.84 10.10
N GLY A 274 2.37 16.16 9.54
CA GLY A 274 1.17 15.82 10.28
C GLY A 274 1.13 14.38 10.75
N HIS A 275 -0.08 13.90 11.00
CA HIS A 275 -0.32 12.57 11.52
C HIS A 275 -1.54 11.98 10.85
N TYR A 276 -1.43 10.74 10.40
CA TYR A 276 -2.51 10.09 9.65
C TYR A 276 -3.45 9.35 10.58
N LYS A 277 -4.73 9.35 10.23
CA LYS A 277 -5.75 8.62 10.98
C LYS A 277 -6.71 7.96 10.00
N HIS A 278 -7.21 6.79 10.39
CA HIS A 278 -8.03 5.95 9.52
C HIS A 278 -9.48 5.98 9.97
N ILE A 279 -10.39 6.19 9.03
CA ILE A 279 -11.83 6.15 9.28
C ILE A 279 -12.44 5.10 8.36
N THR A 280 -13.32 4.27 8.92
CA THR A 280 -13.97 3.22 8.16
C THR A 280 -15.47 3.23 8.46
N SER A 281 -16.24 2.69 7.52
CA SER A 281 -17.69 2.68 7.60
C SER A 281 -18.18 1.25 7.76
N LYS A 282 -18.82 0.97 8.89
CA LYS A 282 -19.45 -0.33 9.13
C LYS A 282 -20.90 -0.10 9.57
N GLU A 283 -21.32 -0.77 10.64
CA GLU A 283 -22.62 -0.45 11.23
C GLU A 283 -22.64 0.97 11.79
N THR A 284 -21.48 1.51 12.12
CA THR A 284 -21.31 2.91 12.50
C THR A 284 -19.89 3.30 12.15
N LEU A 285 -19.63 4.61 12.17
CA LEU A 285 -18.33 5.12 11.77
C LEU A 285 -17.30 4.85 12.86
N TYR A 286 -16.20 4.20 12.48
CA TYR A 286 -15.11 3.87 13.38
C TYR A 286 -13.88 4.70 13.02
N CYS A 287 -13.12 5.09 14.05
CA CYS A 287 -11.90 5.87 13.87
C CYS A 287 -10.76 5.15 14.56
N ILE A 288 -9.78 4.71 13.79
CA ILE A 288 -8.64 3.95 14.30
C ILE A 288 -7.42 4.85 14.33
N ASP A 289 -6.74 4.89 15.48
CA ASP A 289 -5.49 5.64 15.67
C ASP A 289 -4.44 4.65 16.20
N GLY A 290 -4.06 3.71 15.35
CA GLY A 290 -3.13 2.66 15.76
C GLY A 290 -3.83 1.58 16.56
N ALA A 291 -3.78 1.69 17.89
CA ALA A 291 -4.45 0.74 18.77
C ALA A 291 -5.71 1.31 19.41
N LEU A 292 -6.05 2.56 19.13
CA LEU A 292 -7.20 3.22 19.73
C LEU A 292 -8.40 3.17 18.80
N LEU A 293 -9.59 3.25 19.39
CA LEU A 293 -10.84 3.16 18.65
C LEU A 293 -11.81 4.22 19.16
N THR A 294 -12.58 4.80 18.24
CA THR A 294 -13.56 5.83 18.58
C THR A 294 -14.74 5.71 17.62
N LYS A 295 -15.94 5.60 18.19
CA LYS A 295 -17.17 5.47 17.41
C LYS A 295 -17.82 6.83 17.21
N SER A 296 -18.67 6.90 16.18
CA SER A 296 -19.40 8.12 15.84
C SER A 296 -20.46 7.78 14.81
N SER A 297 -21.57 8.50 14.85
CA SER A 297 -22.61 8.32 13.85
C SER A 297 -22.31 9.13 12.60
N GLU A 298 -22.06 10.43 12.77
CA GLU A 298 -21.58 11.30 11.71
C GLU A 298 -20.17 11.77 12.04
N TYR A 299 -19.36 11.94 11.00
CA TYR A 299 -17.97 12.36 11.19
C TYR A 299 -17.67 13.58 10.33
N LYS A 300 -16.86 14.48 10.87
CA LYS A 300 -16.41 15.66 10.13
C LYS A 300 -15.00 15.99 10.58
N GLY A 301 -14.09 16.15 9.61
CA GLY A 301 -12.72 16.44 9.91
C GLY A 301 -11.88 16.61 8.65
N PRO A 302 -10.56 16.74 8.83
CA PRO A 302 -9.68 16.91 7.66
C PRO A 302 -9.44 15.59 6.93
N ILE A 303 -10.24 15.33 5.92
CA ILE A 303 -10.13 14.10 5.13
C ILE A 303 -9.34 14.40 3.87
N THR A 304 -8.44 13.49 3.50
CA THR A 304 -7.59 13.66 2.33
C THR A 304 -7.77 12.57 1.28
N ASP A 305 -8.20 11.37 1.68
CA ASP A 305 -8.42 10.27 0.76
C ASP A 305 -9.69 9.54 1.17
N VAL A 306 -10.53 9.22 0.18
CA VAL A 306 -11.75 8.45 0.40
C VAL A 306 -11.77 7.29 -0.59
N PHE A 307 -11.97 6.08 -0.08
CA PHE A 307 -12.04 4.89 -0.92
C PHE A 307 -13.50 4.49 -1.11
N TYR A 308 -13.87 4.22 -2.36
CA TYR A 308 -15.22 3.83 -2.72
C TYR A 308 -15.17 2.49 -3.45
N LYS A 309 -16.14 1.63 -3.17
CA LYS A 309 -16.23 0.33 -3.82
C LYS A 309 -17.11 0.41 -5.06
N GLU A 310 -16.73 -0.34 -6.09
CA GLU A 310 -17.41 -0.30 -7.38
C GLU A 310 -17.30 -1.66 -8.03
N ASN A 311 -18.05 -1.84 -9.12
CA ASN A 311 -17.94 -3.03 -9.95
C ASN A 311 -18.07 -2.64 -11.41
N SER A 312 -19.19 -2.02 -11.76
CA SER A 312 -19.41 -1.50 -13.11
C SER A 312 -20.38 -0.33 -13.02
N TYR A 313 -20.01 0.80 -13.61
CA TYR A 313 -20.83 1.99 -13.61
C TYR A 313 -20.88 2.57 -15.02
N THR A 314 -22.08 2.93 -15.47
CA THR A 314 -22.27 3.58 -16.76
C THR A 314 -23.11 4.83 -16.55
N THR A 315 -22.62 5.95 -17.08
CA THR A 315 -23.29 7.23 -16.85
C THR A 315 -24.56 7.34 -17.69
N THR A 316 -25.35 8.36 -17.37
CA THR A 316 -26.61 8.60 -18.08
C THR A 316 -26.46 9.60 -19.22
N ILE A 317 -25.43 10.45 -19.19
CA ILE A 317 -25.22 11.46 -20.22
C ILE A 317 -24.87 10.82 -21.56
C20 A1BEE B . -0.79 17.86 3.32
C21 A1BEE B . -0.90 19.15 2.82
C22 A1BEE B . -0.99 20.32 3.75
C23 A1BEE B . -0.51 21.59 3.55
C25 A1BEE B . -0.45 23.69 4.93
C26 A1BEE B . 1.04 23.91 5.23
C28 A1BEE B . 0.45 26.26 5.68
C29 A1BEE B . 2.78 25.49 5.91
C10 A1BEE B . 4.79 13.55 1.58
C12 A1BEE B . 5.01 14.34 -0.68
C13 A1BEE B . 6.23 14.64 -1.51
C15 A1BEE B . 5.87 14.96 -3.93
C16 A1BEE B . 7.49 13.30 -3.15
C17 A1BEE B . 3.66 14.32 1.84
C19 A1BEE B . -0.66 16.79 2.46
C1 A1BEE B . -1.73 14.44 2.56
C2 A1BEE B . -0.59 15.37 2.99
C32 A1BEE B . -1.53 20.36 5.05
C34 A1BEE B . -0.75 18.41 0.65
C35 A1BEE B . -0.63 17.06 1.06
C36 A1BEE B . -0.47 16.07 0.06
C37 A1BEE B . -0.46 16.40 -1.27
C38 A1BEE B . -0.56 17.73 -1.67
C39 A1BEE B . -0.72 18.72 -0.74
C4 A1BEE B . 1.82 15.10 3.36
C5 A1BEE B . 3.05 14.28 3.10
C6 A1BEE B . 3.60 13.48 4.12
C7 A1BEE B . 2.99 13.41 5.50
C8 A1BEE B . 4.74 12.73 3.83
C9 A1BEE B . 5.33 12.76 2.58
N14 A1BEE B . 6.20 13.99 -2.86
N24 A1BEE B . -0.78 22.30 4.67
N27 A1BEE B . 1.41 25.16 5.58
N3 A1BEE B . 0.70 14.71 2.73
N31 A1BEE B . -1.41 21.55 5.60
N33 A1BEE B . -0.89 19.45 1.54
O11 A1BEE B . 5.47 13.51 0.40
O18 A1BEE B . 1.86 16.07 4.10
O30 A1BEE B . 1.84 22.99 5.16
C ACT C . -25.07 17.37 8.52
O ACT C . -24.93 16.39 9.32
OXT ACT C . -25.48 17.36 7.30
CH3 ACT C . -24.69 18.82 9.14
ZN ZN D . -11.13 23.82 -24.81
ZN ZN E . 6.40 -8.19 -11.57
ZN ZN F . 12.01 1.04 15.64
ZN ZN G . 1.98 10.12 12.53
ZN ZN H . 9.37 -1.70 -7.98
ZN ZN I . -9.30 22.05 -27.59
ZN ZN J . -26.51 5.53 9.29
ZN ZN K . 17.65 -24.02 -5.46
CL CL L . 7.91 -7.10 -12.75
CL CL M . 5.22 -6.52 -10.16
CL CL N . 10.80 -0.50 16.53
CL CL O . 3.28 8.48 13.87
CL CL P . 2.84 12.68 13.42
CL CL Q . -18.73 2.29 -1.03
C1 GOL R . 26.53 -5.41 11.83
O1 GOL R . 27.63 -4.63 12.28
C2 GOL R . 25.96 -6.26 12.95
O2 GOL R . 24.56 -6.46 12.74
C3 GOL R . 26.19 -5.68 14.32
O3 GOL R . 25.18 -6.06 15.24
C1 GOL S . -0.31 11.65 18.43
O1 GOL S . 0.73 11.64 17.50
C2 GOL S . -1.21 10.43 18.12
O2 GOL S . -1.01 9.39 19.01
C3 GOL S . -2.65 10.98 18.15
O3 GOL S . -2.72 12.01 17.22
C1 GOL T . 14.19 8.70 1.03
O1 GOL T . 12.91 9.05 0.61
C2 GOL T . 14.65 7.49 0.16
O2 GOL T . 15.80 7.78 -0.57
C3 GOL T . 14.85 6.30 1.14
O3 GOL T . 14.78 6.80 2.43
#